data_9BKO
#
_entry.id   9BKO
#
_cell.length_a   90.781
_cell.length_b   90.781
_cell.length_c   122.616
_cell.angle_alpha   90.00
_cell.angle_beta   90.00
_cell.angle_gamma   120.00
#
_symmetry.space_group_name_H-M   'P 32 2 1'
#
loop_
_entity.id
_entity.type
_entity.pdbx_description
1 polymer 'Dihydroorotate dehydrogenase (quinone), mitochondrial'
2 non-polymer 'FLAVIN MONONUCLEOTIDE'
3 non-polymer 'OROTIC ACID'
4 non-polymer (2P,6P)-6-[4-ethyl-3-(hydroxymethyl)-5-oxo-4,5-dihydro-1H-1,2,4-triazol-1-yl]-7-fluoro-2-(2-methylphenyl)-4-[(2R)-1,1,1-trifluoropropan-2-yl]isoquinolin-1(2H)-one
5 non-polymer 'SULFATE ION'
6 non-polymer 'CHLORIDE ION'
7 non-polymer GLYCEROL
8 non-polymer 'ACETATE ION'
9 water water
#
_entity_poly.entity_id   1
_entity_poly.type   'polypeptide(L)'
_entity_poly.pdbx_seq_one_letter_code
;GATGDERFYAEHLMPTLQGLLDPESAHRLAVRFTSLGLLPRARFQDSDMLEVRVLGHKFRNPVGIAAGFDKHGEAVDGLY
KMGFGFVEIGSVTPKPQEGNPRPRVFRLPEDQAVINRYGFNSHGLSVVEHRLRARQQKQAKLTEDGLPLGVNLGKNKTSV
DAAEDYAEGVRVLGPLADYLVVNVSSPNTAGLRSLQGKAELRRLLTKVLQERDGLRRVHRPAVLVKIAPDLTSQDKEDIA
SVVKELGIDGLIVTNTTVSRPAGLQGALRSETGGLSGKPLRDLSTQTIREMYALTQGRVPIIGVGGVSSGQDALEKIRAG
ASLVQLYTALTFWGPPVVGKVKRELEALLKEQGFGGVTDAIGADHRR
;
_entity_poly.pdbx_strand_id   A
#
# COMPACT_ATOMS: atom_id res chain seq x y z
N ALA A 2 12.40 -23.20 2.45
CA ALA A 2 11.44 -22.04 2.53
C ALA A 2 10.69 -22.03 3.82
N THR A 3 9.97 -23.12 4.09
CA THR A 3 9.19 -23.25 5.33
C THR A 3 10.12 -23.30 6.57
N GLY A 4 11.40 -23.73 6.39
CA GLY A 4 12.42 -23.62 7.43
C GLY A 4 12.67 -22.20 7.91
N ASP A 5 13.12 -21.34 6.97
CA ASP A 5 13.26 -19.90 7.18
C ASP A 5 11.96 -19.26 7.73
N GLU A 6 10.78 -19.62 7.18
CA GLU A 6 9.51 -18.99 7.65
C GLU A 6 9.29 -19.18 9.11
N ARG A 7 9.47 -20.44 9.56
CA ARG A 7 9.30 -20.80 10.94
C ARG A 7 10.30 -20.12 11.88
N PHE A 8 11.56 -20.16 11.50
CA PHE A 8 12.62 -19.56 12.29
C PHE A 8 12.41 -18.05 12.44
N TYR A 9 12.02 -17.40 11.34
CA TYR A 9 11.79 -15.95 11.38
C TYR A 9 10.61 -15.55 12.25
N ALA A 10 9.50 -16.24 12.03
CA ALA A 10 8.28 -15.95 12.75
C ALA A 10 8.32 -16.34 14.22
N GLU A 11 8.91 -17.50 14.50
CA GLU A 11 8.86 -18.11 15.86
C GLU A 11 9.99 -17.61 16.75
N HIS A 12 11.14 -17.21 16.16
CA HIS A 12 12.36 -16.85 16.93
C HIS A 12 13.01 -15.52 16.59
N LEU A 13 13.41 -15.34 15.34
CA LEU A 13 14.20 -14.13 14.98
C LEU A 13 13.44 -12.83 15.16
N MET A 14 12.26 -12.71 14.55
CA MET A 14 11.54 -11.47 14.63
C MET A 14 11.08 -11.12 16.04
N PRO A 15 10.51 -12.10 16.81
CA PRO A 15 10.14 -11.71 18.17
C PRO A 15 11.31 -11.27 19.05
N THR A 16 12.49 -11.86 18.83
CA THR A 16 13.70 -11.50 19.57
C THR A 16 14.17 -10.09 19.21
N LEU A 17 14.26 -9.81 17.91
CA LEU A 17 14.69 -8.48 17.46
C LEU A 17 13.71 -7.37 17.87
N GLN A 18 12.41 -7.65 17.73
CA GLN A 18 11.39 -6.70 18.15
C GLN A 18 11.40 -6.42 19.68
N GLY A 19 11.74 -7.43 20.47
CA GLY A 19 11.87 -7.29 21.95
C GLY A 19 13.07 -6.47 22.39
N LEU A 20 14.08 -6.33 21.52
CA LEU A 20 15.29 -5.51 21.80
C LEU A 20 15.20 -4.03 21.37
N LEU A 21 14.20 -3.66 20.55
CA LEU A 21 14.22 -2.38 19.87
C LEU A 21 12.89 -1.70 19.99
N ASP A 22 12.91 -0.36 20.10
CA ASP A 22 11.68 0.39 19.96
C ASP A 22 11.14 0.23 18.53
N PRO A 23 9.81 0.35 18.35
CA PRO A 23 9.22 0.03 17.04
C PRO A 23 9.73 0.93 15.89
N GLU A 24 9.89 2.22 16.14
CA GLU A 24 10.43 3.10 15.10
C GLU A 24 11.89 2.77 14.80
N SER A 25 12.70 2.42 15.80
CA SER A 25 14.06 1.96 15.53
C SER A 25 14.08 0.71 14.70
N ALA A 26 13.17 -0.23 15.00
CA ALA A 26 13.09 -1.45 14.24
C ALA A 26 12.73 -1.14 12.77
N HIS A 27 11.83 -0.18 12.56
CA HIS A 27 11.48 0.26 11.20
C HIS A 27 12.69 0.86 10.45
N ARG A 28 13.39 1.77 11.12
CA ARG A 28 14.55 2.43 10.50
C ARG A 28 15.65 1.43 10.16
N LEU A 29 15.94 0.49 11.07
N LEU A 29 15.92 0.50 11.07
CA LEU A 29 16.93 -0.54 10.80
CA LEU A 29 16.91 -0.53 10.84
C LEU A 29 16.51 -1.45 9.65
C LEU A 29 16.51 -1.48 9.70
N ALA A 30 15.21 -1.79 9.60
CA ALA A 30 14.71 -2.60 8.49
C ALA A 30 14.93 -1.96 7.13
N VAL A 31 14.68 -0.66 7.04
CA VAL A 31 14.91 0.09 5.81
C VAL A 31 16.40 0.01 5.44
N ARG A 32 17.28 0.21 6.42
N ARG A 32 17.28 0.21 6.42
CA ARG A 32 18.72 0.16 6.17
CA ARG A 32 18.73 0.14 6.16
C ARG A 32 19.18 -1.22 5.69
C ARG A 32 19.17 -1.23 5.68
N PHE A 33 18.74 -2.28 6.39
CA PHE A 33 19.08 -3.65 6.00
C PHE A 33 18.57 -4.00 4.61
N THR A 34 17.34 -3.55 4.32
CA THR A 34 16.76 -3.85 3.03
C THR A 34 17.51 -3.12 1.92
N SER A 35 17.87 -1.85 2.17
CA SER A 35 18.63 -1.04 1.20
C SER A 35 20.02 -1.58 0.88
N LEU A 36 20.61 -2.28 1.85
CA LEU A 36 21.89 -3.01 1.71
C LEU A 36 21.79 -4.42 1.12
N GLY A 37 20.58 -4.91 0.85
CA GLY A 37 20.33 -6.25 0.41
C GLY A 37 20.59 -7.35 1.43
N LEU A 38 20.60 -7.01 2.73
CA LEU A 38 20.90 -8.01 3.79
C LEU A 38 19.62 -8.79 4.07
N LEU A 39 19.36 -9.76 3.21
CA LEU A 39 18.05 -10.43 3.14
C LEU A 39 18.18 -11.93 2.95
N PRO A 40 17.26 -12.74 3.54
CA PRO A 40 17.27 -14.15 3.20
C PRO A 40 16.91 -14.39 1.72
N ARG A 41 17.32 -15.55 1.21
CA ARG A 41 17.00 -15.94 -0.15
C ARG A 41 15.47 -16.01 -0.34
N ALA A 42 15.00 -15.35 -1.41
CA ALA A 42 13.62 -15.45 -1.86
C ALA A 42 13.65 -16.68 -2.78
N ARG A 43 13.35 -17.78 -2.13
CA ARG A 43 13.41 -19.12 -2.71
C ARG A 43 12.37 -19.31 -3.81
N PHE A 44 11.22 -18.64 -3.65
CA PHE A 44 10.07 -18.83 -4.49
C PHE A 44 10.22 -18.28 -5.93
N GLN A 45 10.00 -19.16 -6.91
CA GLN A 45 10.01 -18.76 -8.31
C GLN A 45 8.60 -18.43 -8.76
N ASP A 46 8.39 -17.19 -9.21
CA ASP A 46 7.07 -16.76 -9.64
C ASP A 46 6.67 -17.55 -10.88
N SER A 47 5.50 -18.12 -10.85
CA SER A 47 4.90 -18.91 -11.93
C SER A 47 4.06 -18.01 -12.77
N ASP A 48 3.78 -18.45 -13.98
CA ASP A 48 2.84 -17.75 -14.88
C ASP A 48 1.45 -17.52 -14.30
N MET A 49 1.00 -18.39 -13.39
CA MET A 49 -0.30 -18.30 -12.71
C MET A 49 -0.45 -17.04 -11.90
N LEU A 50 0.67 -16.51 -11.41
CA LEU A 50 0.64 -15.28 -10.61
C LEU A 50 0.73 -13.97 -11.37
N GLU A 51 1.01 -14.00 -12.67
CA GLU A 51 1.09 -12.78 -13.48
C GLU A 51 -0.26 -12.10 -13.64
N VAL A 52 -0.28 -10.78 -13.52
CA VAL A 52 -1.45 -9.95 -13.68
C VAL A 52 -1.10 -8.82 -14.61
N ARG A 53 -1.99 -8.51 -15.55
CA ARG A 53 -1.88 -7.32 -16.40
C ARG A 53 -2.98 -6.34 -16.05
N VAL A 54 -2.59 -5.21 -15.48
CA VAL A 54 -3.49 -4.16 -15.05
C VAL A 54 -2.75 -2.81 -14.98
N LEU A 55 -3.49 -1.69 -15.04
CA LEU A 55 -2.90 -0.34 -14.92
C LEU A 55 -1.88 -0.02 -16.02
N GLY A 56 -2.01 -0.70 -17.17
CA GLY A 56 -1.05 -0.57 -18.27
C GLY A 56 0.28 -1.26 -18.09
N HIS A 57 0.36 -2.21 -17.16
CA HIS A 57 1.58 -2.90 -16.83
C HIS A 57 1.40 -4.42 -16.58
N LYS A 58 2.47 -5.17 -16.80
CA LYS A 58 2.60 -6.53 -16.33
C LYS A 58 3.15 -6.51 -14.89
N PHE A 59 2.53 -7.32 -14.03
CA PHE A 59 3.00 -7.54 -12.66
C PHE A 59 3.35 -9.01 -12.56
N ARG A 60 4.62 -9.32 -12.31
CA ARG A 60 5.09 -10.71 -12.24
C ARG A 60 4.35 -11.52 -11.18
N ASN A 61 4.01 -10.87 -10.07
CA ASN A 61 3.16 -11.49 -9.06
C ASN A 61 2.32 -10.37 -8.46
N PRO A 62 1.23 -10.71 -7.77
CA PRO A 62 0.27 -9.71 -7.36
C PRO A 62 0.48 -9.18 -5.94
N VAL A 63 1.63 -9.48 -5.32
CA VAL A 63 1.87 -9.13 -3.93
C VAL A 63 2.85 -7.97 -3.84
N GLY A 64 2.38 -6.82 -3.38
CA GLY A 64 3.20 -5.63 -3.26
C GLY A 64 3.46 -5.23 -1.82
N ILE A 65 4.45 -4.39 -1.63
CA ILE A 65 4.71 -3.74 -0.35
C ILE A 65 3.89 -2.45 -0.33
N ALA A 66 3.08 -2.31 0.72
CA ALA A 66 2.25 -1.12 0.88
C ALA A 66 3.09 0.13 1.23
N ALA A 67 2.52 1.30 0.97
CA ALA A 67 3.08 2.55 1.41
C ALA A 67 3.30 2.57 2.92
N GLY A 68 4.34 3.28 3.32
CA GLY A 68 4.66 3.50 4.70
C GLY A 68 5.91 2.80 5.14
N PHE A 69 6.25 1.67 4.53
CA PHE A 69 7.50 1.00 4.88
C PHE A 69 8.70 1.80 4.36
N ASP A 70 8.68 2.06 3.07
CA ASP A 70 9.72 2.87 2.41
C ASP A 70 9.16 4.23 2.01
N LYS A 71 9.06 5.11 2.99
CA LYS A 71 8.43 6.41 2.79
C LYS A 71 9.25 7.28 1.86
N HIS A 72 10.58 7.10 1.85
CA HIS A 72 11.45 8.05 1.16
C HIS A 72 12.18 7.46 -0.04
N GLY A 73 11.79 6.27 -0.48
CA GLY A 73 12.38 5.61 -1.65
C GLY A 73 13.81 5.15 -1.49
N GLU A 74 14.14 4.67 -0.32
CA GLU A 74 15.50 4.27 0.05
C GLU A 74 15.79 2.80 -0.16
N ALA A 75 14.76 1.98 -0.32
CA ALA A 75 14.90 0.51 -0.23
C ALA A 75 14.25 -0.23 -1.37
N VAL A 76 14.02 0.45 -2.49
CA VAL A 76 13.20 -0.09 -3.57
C VAL A 76 13.78 -1.40 -4.12
N ASP A 77 15.08 -1.38 -4.43
CA ASP A 77 15.69 -2.56 -5.00
C ASP A 77 15.72 -3.75 -4.03
N GLY A 78 15.95 -3.47 -2.76
CA GLY A 78 15.88 -4.50 -1.72
C GLY A 78 14.50 -5.10 -1.58
N LEU A 79 13.47 -4.27 -1.78
CA LEU A 79 12.10 -4.79 -1.70
C LEU A 79 11.76 -5.71 -2.88
N TYR A 80 12.25 -5.42 -4.08
CA TYR A 80 12.13 -6.39 -5.18
C TYR A 80 12.89 -7.68 -4.87
N LYS A 81 14.05 -7.57 -4.24
CA LYS A 81 14.82 -8.74 -3.83
C LYS A 81 14.07 -9.62 -2.84
N MET A 82 13.24 -9.02 -2.00
CA MET A 82 12.37 -9.82 -1.13
C MET A 82 11.30 -10.65 -1.85
N GLY A 83 10.99 -10.34 -3.10
CA GLY A 83 10.03 -11.08 -3.90
C GLY A 83 8.73 -10.37 -4.16
N PHE A 84 8.63 -9.11 -3.73
CA PHE A 84 7.44 -8.32 -4.05
C PHE A 84 7.32 -8.10 -5.56
N GLY A 85 6.10 -8.25 -6.09
CA GLY A 85 5.84 -8.05 -7.49
C GLY A 85 5.76 -6.58 -7.91
N PHE A 86 5.58 -5.70 -6.92
CA PHE A 86 5.57 -4.27 -7.14
C PHE A 86 5.88 -3.59 -5.83
N VAL A 87 6.36 -2.35 -5.92
CA VAL A 87 6.78 -1.57 -4.75
C VAL A 87 6.07 -0.25 -4.80
N GLU A 88 5.52 0.19 -3.66
CA GLU A 88 4.97 1.52 -3.50
C GLU A 88 5.77 2.25 -2.45
N ILE A 89 6.28 3.43 -2.82
CA ILE A 89 6.97 4.29 -1.86
C ILE A 89 6.09 5.42 -1.43
N GLY A 90 6.49 6.08 -0.36
CA GLY A 90 5.73 7.20 0.15
C GLY A 90 4.96 6.83 1.41
N SER A 91 4.12 7.73 1.91
CA SER A 91 3.75 9.00 1.26
C SER A 91 4.87 10.01 1.27
N VAL A 92 4.96 10.74 0.17
CA VAL A 92 5.92 11.82 0.03
C VAL A 92 5.18 13.13 0.02
N THR A 93 5.67 14.09 0.81
CA THR A 93 5.03 15.43 0.87
C THR A 93 5.88 16.43 0.07
N PRO A 94 5.29 17.56 -0.37
CA PRO A 94 6.09 18.50 -1.17
C PRO A 94 7.35 19.00 -0.53
N LYS A 95 7.22 19.59 0.64
CA LYS A 95 8.38 20.01 1.42
C LYS A 95 8.73 18.92 2.43
N PRO A 96 10.01 18.85 2.85
CA PRO A 96 10.34 17.99 3.98
C PRO A 96 9.56 18.36 5.24
N GLN A 97 9.19 17.35 6.01
CA GLN A 97 8.58 17.59 7.31
C GLN A 97 8.84 16.44 8.26
N GLU A 98 8.89 16.77 9.55
CA GLU A 98 9.33 15.87 10.57
C GLU A 98 8.30 14.83 10.97
N GLY A 99 7.03 15.16 10.79
CA GLY A 99 5.92 14.33 11.34
C GLY A 99 5.72 14.60 12.82
N ASN A 100 4.95 13.70 13.43
CA ASN A 100 4.58 13.83 14.84
C ASN A 100 5.73 13.52 15.80
N PRO A 101 5.63 14.05 17.05
CA PRO A 101 6.61 13.67 18.07
C PRO A 101 6.64 12.16 18.39
N ARG A 102 7.79 11.67 18.81
N ARG A 102 7.81 11.66 18.78
CA ARG A 102 7.93 10.30 19.24
CA ARG A 102 8.04 10.24 19.16
C ARG A 102 7.45 10.11 20.66
C ARG A 102 7.78 10.00 20.67
N PRO A 103 7.11 8.87 21.05
CA PRO A 103 6.77 7.70 20.23
C PRO A 103 5.50 7.90 19.37
N ARG A 104 5.57 7.31 18.18
CA ARG A 104 4.49 7.44 17.19
C ARG A 104 4.18 6.14 16.45
N VAL A 105 4.72 5.03 16.94
CA VAL A 105 4.48 3.67 16.40
CA VAL A 105 4.35 3.72 16.42
C VAL A 105 4.37 2.75 17.60
N PHE A 106 3.39 1.88 17.59
CA PHE A 106 3.04 0.99 18.73
C PHE A 106 2.72 -0.39 18.27
N ARG A 107 3.33 -1.39 18.91
CA ARG A 107 3.11 -2.79 18.56
C ARG A 107 2.00 -3.38 19.43
N LEU A 108 1.11 -4.15 18.79
CA LEU A 108 0.06 -4.89 19.50
C LEU A 108 0.24 -6.35 19.11
N PRO A 109 1.30 -7.00 19.64
CA PRO A 109 1.59 -8.36 19.18
C PRO A 109 0.47 -9.39 19.48
N GLU A 110 -0.26 -9.19 20.56
CA GLU A 110 -1.42 -10.06 20.91
C GLU A 110 -2.55 -10.00 19.87
N ASP A 111 -2.60 -8.91 19.12
CA ASP A 111 -3.58 -8.68 18.07
C ASP A 111 -3.02 -8.83 16.65
N GLN A 112 -1.72 -9.14 16.52
N GLN A 112 -1.72 -9.10 16.52
CA GLN A 112 -0.97 -9.07 15.26
CA GLN A 112 -1.01 -9.09 15.24
C GLN A 112 -1.27 -7.76 14.51
C GLN A 112 -1.28 -7.77 14.50
N ALA A 113 -1.15 -6.67 15.26
CA ALA A 113 -1.52 -5.35 14.80
C ALA A 113 -0.45 -4.33 15.18
N VAL A 114 -0.54 -3.18 14.52
CA VAL A 114 0.25 -2.00 14.79
C VAL A 114 -0.67 -0.80 14.82
N ILE A 115 -0.36 0.20 15.67
CA ILE A 115 -0.96 1.52 15.59
C ILE A 115 0.15 2.51 15.28
N ASN A 116 -0.07 3.38 14.30
CA ASN A 116 0.92 4.41 13.98
C ASN A 116 0.27 5.77 13.85
N ARG A 117 1.06 6.79 14.20
CA ARG A 117 0.70 8.17 13.99
C ARG A 117 1.95 8.91 13.54
N TYR A 118 2.60 8.39 12.51
CA TYR A 118 3.80 9.06 11.99
C TYR A 118 3.56 10.52 11.60
N GLY A 119 2.42 10.78 10.98
CA GLY A 119 2.08 12.14 10.56
C GLY A 119 2.83 12.63 9.33
N PHE A 120 3.05 11.74 8.37
N PHE A 120 3.09 11.72 8.39
CA PHE A 120 3.69 12.07 7.08
CA PHE A 120 3.77 12.06 7.14
C PHE A 120 5.10 12.62 7.24
C PHE A 120 5.10 12.68 7.34
N ASN A 121 5.93 11.95 8.04
CA ASN A 121 7.36 12.26 8.09
C ASN A 121 7.89 12.01 6.68
N SER A 122 8.50 13.00 6.08
CA SER A 122 8.88 12.88 4.68
C SER A 122 10.14 13.69 4.42
N HIS A 123 11.04 13.09 3.64
CA HIS A 123 12.20 13.77 3.09
C HIS A 123 11.83 14.83 2.07
N GLY A 124 10.61 14.80 1.55
CA GLY A 124 10.15 15.78 0.61
C GLY A 124 10.40 15.40 -0.85
N LEU A 125 9.66 16.03 -1.75
CA LEU A 125 9.70 15.64 -3.15
C LEU A 125 11.10 15.73 -3.80
N SER A 126 11.85 16.79 -3.49
N SER A 126 11.86 16.79 -3.50
CA SER A 126 13.15 17.01 -4.13
CA SER A 126 13.14 16.99 -4.18
C SER A 126 14.11 15.88 -3.81
C SER A 126 14.13 15.89 -3.81
N VAL A 127 14.22 15.54 -2.52
CA VAL A 127 15.10 14.46 -2.09
C VAL A 127 14.69 13.13 -2.76
N VAL A 128 13.38 12.84 -2.75
CA VAL A 128 12.95 11.60 -3.30
C VAL A 128 13.15 11.57 -4.84
N GLU A 129 12.89 12.70 -5.48
CA GLU A 129 13.12 12.81 -6.93
C GLU A 129 14.54 12.44 -7.30
N HIS A 130 15.50 13.00 -6.58
CA HIS A 130 16.91 12.75 -6.88
C HIS A 130 17.31 11.31 -6.59
N ARG A 131 16.72 10.74 -5.55
CA ARG A 131 16.91 9.33 -5.25
C ARG A 131 16.40 8.38 -6.35
N LEU A 132 15.19 8.67 -6.84
CA LEU A 132 14.62 7.87 -7.93
C LEU A 132 15.32 8.11 -9.26
N ARG A 133 15.74 9.35 -9.53
CA ARG A 133 16.52 9.63 -10.75
C ARG A 133 17.81 8.82 -10.85
N ALA A 134 18.45 8.58 -9.70
CA ALA A 134 19.69 7.82 -9.66
C ALA A 134 19.57 6.38 -10.17
N ARG A 135 18.34 5.85 -10.17
CA ARG A 135 18.06 4.48 -10.60
C ARG A 135 16.92 4.47 -11.62
N GLN A 136 16.73 5.57 -12.35
CA GLN A 136 15.56 5.67 -13.23
C GLN A 136 15.54 4.62 -14.35
N GLN A 137 16.70 4.37 -14.97
CA GLN A 137 16.76 3.40 -16.05
C GLN A 137 16.77 2.00 -15.53
N LYS A 138 17.37 1.78 -14.37
CA LYS A 138 17.24 0.48 -13.68
C LYS A 138 15.76 0.18 -13.43
N GLN A 139 15.00 1.19 -12.97
CA GLN A 139 13.55 0.99 -12.81
C GLN A 139 12.82 0.73 -14.14
N ALA A 140 13.19 1.44 -15.20
CA ALA A 140 12.55 1.18 -16.50
C ALA A 140 12.69 -0.28 -16.92
N LYS A 141 13.85 -0.87 -16.65
CA LYS A 141 14.10 -2.29 -16.98
C LYS A 141 13.29 -3.21 -16.05
N LEU A 142 13.23 -2.86 -14.76
CA LEU A 142 12.42 -3.65 -13.81
C LEU A 142 10.93 -3.65 -14.21
N THR A 143 10.40 -2.48 -14.53
CA THR A 143 9.02 -2.36 -14.97
C THR A 143 8.77 -3.19 -16.22
N GLU A 144 9.66 -3.08 -17.21
CA GLU A 144 9.52 -3.90 -18.44
C GLU A 144 9.50 -5.40 -18.14
N ASP A 145 10.29 -5.80 -17.15
CA ASP A 145 10.36 -7.15 -16.62
C ASP A 145 9.24 -7.57 -15.65
N GLY A 146 8.25 -6.72 -15.46
CA GLY A 146 7.08 -7.05 -14.65
C GLY A 146 7.14 -6.62 -13.22
N LEU A 147 7.97 -5.63 -12.89
CA LEU A 147 8.17 -5.18 -11.51
C LEU A 147 7.95 -3.67 -11.38
N PRO A 148 6.66 -3.24 -11.42
CA PRO A 148 6.38 -1.81 -11.42
C PRO A 148 6.61 -1.09 -10.09
N LEU A 149 6.69 0.25 -10.19
CA LEU A 149 6.90 1.15 -9.06
C LEU A 149 5.75 2.12 -8.92
N GLY A 150 5.19 2.19 -7.72
CA GLY A 150 4.19 3.20 -7.41
C GLY A 150 4.76 4.25 -6.46
N VAL A 151 4.25 5.45 -6.58
CA VAL A 151 4.60 6.55 -5.69
C VAL A 151 3.35 7.12 -5.06
N ASN A 152 3.34 7.17 -3.74
CA ASN A 152 2.20 7.67 -2.99
C ASN A 152 2.46 9.10 -2.52
N LEU A 153 1.53 9.99 -2.86
CA LEU A 153 1.69 11.42 -2.65
C LEU A 153 0.83 11.86 -1.46
N GLY A 154 1.43 12.64 -0.57
CA GLY A 154 0.73 13.31 0.53
C GLY A 154 0.80 14.80 0.44
N LYS A 155 0.36 15.44 1.52
CA LYS A 155 0.34 16.88 1.59
C LYS A 155 1.00 17.33 2.89
N ASN A 156 1.60 18.51 2.87
CA ASN A 156 2.22 19.03 4.06
C ASN A 156 1.18 19.45 5.09
N LYS A 157 1.57 19.34 6.34
CA LYS A 157 0.71 19.67 7.50
C LYS A 157 0.19 21.11 7.43
N THR A 158 1.07 22.03 7.09
CA THR A 158 0.74 23.47 7.06
C THR A 158 0.21 24.02 5.74
N SER A 159 -0.05 23.16 4.75
N SER A 159 -0.03 23.16 4.74
CA SER A 159 -0.54 23.62 3.46
CA SER A 159 -0.50 23.59 3.42
C SER A 159 -1.92 24.20 3.54
C SER A 159 -1.93 24.12 3.44
N VAL A 160 -2.14 25.25 2.75
CA VAL A 160 -3.45 25.90 2.61
C VAL A 160 -4.26 25.38 1.40
N ASP A 161 -3.57 24.82 0.40
CA ASP A 161 -4.15 24.38 -0.85
C ASP A 161 -3.72 22.92 -1.06
N ALA A 162 -4.54 22.00 -0.55
CA ALA A 162 -4.24 20.56 -0.67
C ALA A 162 -4.05 20.12 -2.12
N ALA A 163 -4.95 20.55 -3.01
CA ALA A 163 -4.86 20.18 -4.41
C ALA A 163 -3.54 20.60 -5.04
N GLU A 164 -3.02 21.77 -4.66
CA GLU A 164 -1.71 22.20 -5.16
C GLU A 164 -0.55 21.31 -4.67
N ASP A 165 -0.64 20.81 -3.44
CA ASP A 165 0.38 19.87 -2.95
C ASP A 165 0.37 18.60 -3.79
N TYR A 166 -0.82 18.04 -4.04
CA TYR A 166 -0.88 16.84 -4.88
C TYR A 166 -0.41 17.10 -6.31
N ALA A 167 -0.79 18.25 -6.86
CA ALA A 167 -0.35 18.64 -8.19
C ALA A 167 1.17 18.73 -8.28
N GLU A 168 1.81 19.30 -7.27
CA GLU A 168 3.29 19.36 -7.22
C GLU A 168 3.88 17.96 -7.23
N GLY A 169 3.28 17.04 -6.48
CA GLY A 169 3.75 15.68 -6.47
C GLY A 169 3.63 15.00 -7.82
N VAL A 170 2.52 15.24 -8.54
CA VAL A 170 2.34 14.71 -9.87
C VAL A 170 3.45 15.22 -10.79
N ARG A 171 3.68 16.52 -10.75
CA ARG A 171 4.71 17.11 -11.62
C ARG A 171 6.12 16.61 -11.34
N VAL A 172 6.45 16.43 -10.07
CA VAL A 172 7.81 16.07 -9.68
C VAL A 172 8.09 14.57 -9.75
N LEU A 173 7.20 13.77 -9.17
CA LEU A 173 7.40 12.32 -9.13
C LEU A 173 6.61 11.52 -10.16
N GLY A 174 5.55 12.08 -10.74
CA GLY A 174 4.84 11.43 -11.83
C GLY A 174 5.70 10.89 -12.93
N PRO A 175 6.72 11.67 -13.34
CA PRO A 175 7.59 11.15 -14.41
C PRO A 175 8.49 9.97 -14.06
N LEU A 176 8.56 9.63 -12.77
CA LEU A 176 9.40 8.54 -12.27
C LEU A 176 8.58 7.36 -11.80
N ALA A 177 7.27 7.41 -11.97
CA ALA A 177 6.35 6.41 -11.37
C ALA A 177 5.61 5.64 -12.44
N ASP A 178 5.27 4.38 -12.17
CA ASP A 178 4.29 3.66 -13.02
C ASP A 178 2.87 3.98 -12.62
N TYR A 179 2.66 4.21 -11.33
CA TYR A 179 1.41 4.73 -10.87
C TYR A 179 1.65 5.67 -9.71
N LEU A 180 0.72 6.61 -9.59
CA LEU A 180 0.66 7.55 -8.48
C LEU A 180 -0.55 7.25 -7.62
N VAL A 181 -0.43 7.55 -6.32
CA VAL A 181 -1.54 7.39 -5.37
C VAL A 181 -1.81 8.72 -4.71
N VAL A 182 -3.06 9.15 -4.79
CA VAL A 182 -3.53 10.32 -4.12
C VAL A 182 -4.06 9.76 -2.84
N ASN A 183 -3.24 9.96 -1.80
CA ASN A 183 -3.55 9.46 -0.53
C ASN A 183 -4.39 10.45 0.14
N VAL A 184 -5.72 10.21 0.16
CA VAL A 184 -6.63 11.09 0.88
C VAL A 184 -7.18 10.43 2.18
N SER A 185 -6.47 9.44 2.72
CA SER A 185 -7.03 8.59 3.79
C SER A 185 -6.13 8.39 4.97
N SER A 186 -5.01 9.13 5.08
CA SER A 186 -4.29 9.07 6.34
C SER A 186 -5.14 9.54 7.49
N PRO A 187 -5.17 8.75 8.57
CA PRO A 187 -5.81 9.21 9.78
C PRO A 187 -5.03 10.24 10.61
N ASN A 188 -3.79 10.58 10.21
CA ASN A 188 -2.83 11.33 11.05
C ASN A 188 -2.43 12.70 10.53
N THR A 189 -3.24 13.24 9.61
CA THR A 189 -3.15 14.68 9.24
C THR A 189 -4.53 15.26 9.33
N ALA A 190 -4.65 16.35 10.08
CA ALA A 190 -5.93 17.01 10.35
C ALA A 190 -6.56 17.52 9.05
N GLY A 191 -7.85 17.19 8.85
CA GLY A 191 -8.59 17.57 7.65
C GLY A 191 -8.38 16.71 6.40
N LEU A 192 -7.42 15.79 6.40
CA LEU A 192 -7.07 15.05 5.17
C LEU A 192 -8.21 14.18 4.62
N ARG A 193 -8.89 13.47 5.52
CA ARG A 193 -9.93 12.51 5.13
C ARG A 193 -11.19 13.18 4.63
N SER A 194 -11.41 14.45 5.00
CA SER A 194 -12.42 15.33 4.38
C SER A 194 -12.26 15.54 2.86
N LEU A 195 -11.03 15.42 2.35
CA LEU A 195 -10.78 15.39 0.88
C LEU A 195 -11.43 14.21 0.15
N GLN A 196 -11.84 13.15 0.87
CA GLN A 196 -12.69 12.07 0.32
C GLN A 196 -14.17 12.46 0.04
N GLY A 197 -14.65 13.58 0.56
CA GLY A 197 -16.02 14.07 0.25
C GLY A 197 -16.18 14.52 -1.20
N LYS A 198 -17.41 14.45 -1.75
CA LYS A 198 -17.70 14.57 -3.22
C LYS A 198 -17.20 15.81 -4.00
N ALA A 199 -17.59 16.99 -3.56
CA ALA A 199 -17.27 18.26 -4.28
C ALA A 199 -15.77 18.53 -4.25
N GLU A 200 -15.21 18.46 -3.04
CA GLU A 200 -13.76 18.53 -2.78
C GLU A 200 -12.97 17.49 -3.57
N LEU A 201 -13.46 16.23 -3.59
CA LEU A 201 -12.77 15.17 -4.30
C LEU A 201 -12.78 15.40 -5.80
N ARG A 202 -13.92 15.79 -6.37
CA ARG A 202 -14.03 16.01 -7.83
C ARG A 202 -13.06 17.11 -8.27
N ARG A 203 -13.05 18.21 -7.53
CA ARG A 203 -12.15 19.34 -7.82
C ARG A 203 -10.67 18.92 -7.72
N LEU A 204 -10.35 18.25 -6.61
CA LEU A 204 -8.97 17.76 -6.34
C LEU A 204 -8.51 16.84 -7.47
N LEU A 205 -9.34 15.83 -7.75
CA LEU A 205 -8.95 14.81 -8.72
C LEU A 205 -8.90 15.33 -10.14
N THR A 206 -9.76 16.30 -10.46
CA THR A 206 -9.71 16.94 -11.78
C THR A 206 -8.35 17.61 -11.99
N LYS A 207 -7.89 18.33 -10.97
CA LYS A 207 -6.59 19.02 -11.01
C LYS A 207 -5.44 18.03 -11.12
N VAL A 208 -5.49 16.94 -10.34
CA VAL A 208 -4.49 15.88 -10.40
C VAL A 208 -4.39 15.27 -11.80
N LEU A 209 -5.54 14.90 -12.36
CA LEU A 209 -5.59 14.30 -13.68
C LEU A 209 -5.12 15.24 -14.78
N GLN A 210 -5.46 16.52 -14.68
CA GLN A 210 -4.99 17.52 -15.64
C GLN A 210 -3.45 17.57 -15.63
N GLU A 211 -2.88 17.62 -14.42
N GLU A 211 -2.87 17.62 -14.42
CA GLU A 211 -1.42 17.62 -14.28
CA GLU A 211 -1.40 17.61 -14.28
C GLU A 211 -0.79 16.35 -14.85
C GLU A 211 -0.78 16.34 -14.87
N ARG A 212 -1.39 15.19 -14.58
CA ARG A 212 -0.91 13.94 -15.09
C ARG A 212 -0.96 13.89 -16.61
N ASP A 213 -2.07 14.35 -17.17
CA ASP A 213 -2.26 14.35 -18.61
C ASP A 213 -1.28 15.24 -19.36
N GLY A 214 -0.74 16.25 -18.67
CA GLY A 214 0.29 17.10 -19.22
C GLY A 214 1.70 16.60 -19.26
N LEU A 215 1.94 15.42 -18.71
CA LEU A 215 3.25 14.77 -18.77
C LEU A 215 3.43 14.06 -20.10
N ARG A 216 4.67 14.03 -20.59
CA ARG A 216 4.98 13.31 -21.83
C ARG A 216 4.62 11.82 -21.71
N ARG A 217 4.21 11.21 -22.83
CA ARG A 217 3.63 9.86 -22.82
C ARG A 217 4.40 8.80 -22.04
N VAL A 218 5.71 8.71 -22.28
CA VAL A 218 6.53 7.69 -21.56
C VAL A 218 6.69 7.97 -20.06
N HIS A 219 6.29 9.16 -19.63
CA HIS A 219 6.39 9.65 -18.27
C HIS A 219 5.03 9.89 -17.61
N ARG A 220 3.99 9.28 -18.19
CA ARG A 220 2.63 9.51 -17.79
C ARG A 220 2.08 8.32 -16.94
N PRO A 221 2.01 8.48 -15.61
CA PRO A 221 1.61 7.34 -14.76
C PRO A 221 0.09 7.16 -14.69
N ALA A 222 -0.33 5.96 -14.28
CA ALA A 222 -1.70 5.75 -13.80
C ALA A 222 -1.92 6.52 -12.52
N VAL A 223 -3.18 6.92 -12.25
CA VAL A 223 -3.51 7.64 -11.00
C VAL A 223 -4.56 6.83 -10.25
N LEU A 224 -4.25 6.52 -9.00
CA LEU A 224 -5.14 5.81 -8.10
C LEU A 224 -5.48 6.67 -6.89
N VAL A 225 -6.64 6.40 -6.29
CA VAL A 225 -7.04 7.03 -5.05
C VAL A 225 -7.03 5.98 -3.95
N LYS A 226 -6.37 6.29 -2.83
CA LYS A 226 -6.34 5.38 -1.70
C LYS A 226 -7.36 5.88 -0.66
N ILE A 227 -8.22 4.98 -0.22
CA ILE A 227 -9.32 5.30 0.64
C ILE A 227 -9.22 4.59 1.97
N ALA A 228 -9.94 5.20 2.90
CA ALA A 228 -10.04 4.71 4.23
C ALA A 228 -11.00 3.55 4.36
N PRO A 229 -10.85 2.75 5.42
CA PRO A 229 -11.80 1.71 5.77
C PRO A 229 -12.98 2.20 6.58
N ASP A 230 -13.00 3.49 6.93
CA ASP A 230 -13.95 4.11 7.87
C ASP A 230 -14.99 5.02 7.23
N LEU A 231 -15.14 4.88 5.93
CA LEU A 231 -16.07 5.71 5.16
C LEU A 231 -17.49 5.31 5.42
N THR A 232 -18.37 6.29 5.38
CA THR A 232 -19.80 6.01 5.37
C THR A 232 -20.20 5.41 4.02
N SER A 233 -21.37 4.78 3.98
CA SER A 233 -21.97 4.34 2.72
C SER A 233 -22.10 5.48 1.72
N GLN A 234 -22.50 6.65 2.19
CA GLN A 234 -22.58 7.83 1.31
C GLN A 234 -21.23 8.21 0.71
N ASP A 235 -20.19 8.20 1.55
CA ASP A 235 -18.84 8.51 1.09
C ASP A 235 -18.39 7.54 -0.01
N LYS A 236 -18.63 6.24 0.20
CA LYS A 236 -18.28 5.22 -0.79
C LYS A 236 -19.00 5.39 -2.12
N GLU A 237 -20.30 5.63 -2.08
CA GLU A 237 -21.09 5.88 -3.28
C GLU A 237 -20.57 7.12 -4.03
N ASP A 238 -20.21 8.17 -3.29
CA ASP A 238 -19.69 9.40 -3.91
C ASP A 238 -18.32 9.18 -4.56
N ILE A 239 -17.42 8.50 -3.85
CA ILE A 239 -16.13 8.15 -4.43
C ILE A 239 -16.28 7.34 -5.70
N ALA A 240 -17.12 6.32 -5.66
CA ALA A 240 -17.38 5.54 -6.84
C ALA A 240 -17.88 6.35 -8.05
N SER A 241 -18.76 7.30 -7.76
CA SER A 241 -19.33 8.17 -8.77
C SER A 241 -18.26 9.04 -9.41
N VAL A 242 -17.44 9.64 -8.56
CA VAL A 242 -16.37 10.55 -9.00
C VAL A 242 -15.33 9.79 -9.81
N VAL A 243 -14.91 8.63 -9.31
CA VAL A 243 -13.91 7.82 -9.98
C VAL A 243 -14.33 7.43 -11.40
N LYS A 244 -15.58 7.03 -11.55
CA LYS A 244 -16.13 6.70 -12.86
C LYS A 244 -16.26 7.93 -13.76
N GLU A 245 -16.77 9.03 -13.23
CA GLU A 245 -16.93 10.30 -13.98
C GLU A 245 -15.60 10.81 -14.57
N LEU A 246 -14.54 10.76 -13.76
CA LEU A 246 -13.27 11.34 -14.14
C LEU A 246 -12.33 10.37 -14.84
N GLY A 247 -12.62 9.08 -14.79
CA GLY A 247 -11.74 8.07 -15.36
C GLY A 247 -10.46 7.87 -14.57
N ILE A 248 -10.57 7.96 -13.24
CA ILE A 248 -9.48 7.54 -12.34
C ILE A 248 -9.10 6.11 -12.65
N ASP A 249 -7.81 5.78 -12.63
CA ASP A 249 -7.37 4.50 -13.12
C ASP A 249 -7.56 3.32 -12.15
N GLY A 250 -7.66 3.62 -10.86
CA GLY A 250 -7.83 2.56 -9.88
C GLY A 250 -7.97 3.09 -8.48
N LEU A 251 -8.28 2.16 -7.56
CA LEU A 251 -8.42 2.45 -6.14
C LEU A 251 -7.45 1.58 -5.33
N ILE A 252 -6.94 2.13 -4.22
CA ILE A 252 -6.22 1.31 -3.22
C ILE A 252 -7.12 1.28 -1.98
N VAL A 253 -7.43 0.06 -1.53
CA VAL A 253 -8.49 -0.16 -0.57
C VAL A 253 -7.94 -1.19 0.42
N THR A 254 -7.48 -0.84 1.63
CA THR A 254 -7.65 0.42 2.33
C THR A 254 -6.40 0.85 3.06
N ASN A 255 -6.46 2.09 3.54
CA ASN A 255 -5.52 2.60 4.55
C ASN A 255 -5.87 2.01 5.93
N THR A 256 -5.19 2.48 6.97
CA THR A 256 -5.46 2.07 8.33
C THR A 256 -6.76 2.60 8.87
N THR A 257 -7.25 1.95 9.94
CA THR A 257 -8.52 2.36 10.53
C THR A 257 -8.34 3.19 11.82
N VAL A 258 -9.19 4.20 11.98
CA VAL A 258 -9.30 4.91 13.26
C VAL A 258 -10.29 4.26 14.20
N SER A 259 -10.96 3.20 13.76
CA SER A 259 -11.79 2.41 14.63
C SER A 259 -10.92 1.52 15.51
N ARG A 260 -11.54 1.02 16.59
CA ARG A 260 -10.88 0.08 17.49
C ARG A 260 -11.89 -1.07 17.65
N PRO A 261 -11.80 -2.06 16.75
CA PRO A 261 -12.71 -3.19 16.82
C PRO A 261 -12.75 -3.77 18.22
N ALA A 262 -13.94 -4.22 18.60
CA ALA A 262 -14.10 -4.92 19.86
C ALA A 262 -13.15 -6.12 19.85
N GLY A 263 -12.52 -6.38 20.97
CA GLY A 263 -11.68 -7.55 21.16
C GLY A 263 -10.19 -7.32 21.09
N LEU A 264 -9.74 -6.11 20.73
CA LEU A 264 -8.31 -5.84 20.83
C LEU A 264 -7.81 -6.05 22.26
N GLN A 265 -6.68 -6.74 22.38
CA GLN A 265 -6.02 -7.05 23.67
C GLN A 265 -4.81 -6.29 24.02
N GLY A 266 -4.07 -5.77 23.02
CA GLY A 266 -2.83 -5.06 23.29
C GLY A 266 -3.04 -3.93 24.30
N ALA A 267 -2.05 -3.77 25.18
CA ALA A 267 -2.06 -2.70 26.16
C ALA A 267 -2.18 -1.31 25.51
N LEU A 268 -1.67 -1.18 24.28
CA LEU A 268 -1.60 0.08 23.56
C LEU A 268 -2.76 0.33 22.63
N ARG A 269 -3.85 -0.44 22.79
CA ARG A 269 -4.99 -0.31 21.92
C ARG A 269 -5.65 1.05 21.84
N SER A 270 -5.52 1.87 22.90
CA SER A 270 -6.18 3.17 22.97
C SER A 270 -5.23 4.33 22.60
N GLU A 271 -4.05 4.01 22.09
CA GLU A 271 -3.21 5.01 21.43
C GLU A 271 -3.89 5.60 20.22
N THR A 272 -3.74 6.91 20.01
CA THR A 272 -4.19 7.58 18.78
C THR A 272 -3.37 7.10 17.58
N GLY A 273 -4.08 6.85 16.48
CA GLY A 273 -3.43 6.52 15.22
C GLY A 273 -4.24 5.58 14.38
N GLY A 274 -3.64 5.17 13.28
CA GLY A 274 -4.25 4.18 12.41
C GLY A 274 -3.84 2.79 12.81
N LEU A 275 -4.84 1.91 12.91
CA LEU A 275 -4.63 0.51 13.20
C LEU A 275 -4.52 -0.30 11.92
N SER A 276 -3.51 -1.18 11.89
CA SER A 276 -3.21 -2.05 10.78
C SER A 276 -3.10 -3.51 11.24
N GLY A 277 -2.97 -4.41 10.30
CA GLY A 277 -2.77 -5.83 10.59
C GLY A 277 -4.09 -6.57 10.72
N LYS A 278 -4.07 -7.66 11.47
CA LYS A 278 -5.18 -8.63 11.46
C LYS A 278 -6.54 -8.02 11.78
N PRO A 279 -6.63 -7.09 12.77
CA PRO A 279 -7.94 -6.53 13.06
C PRO A 279 -8.59 -5.70 11.96
N LEU A 280 -7.78 -5.26 11.00
CA LEU A 280 -8.26 -4.50 9.86
C LEU A 280 -8.68 -5.39 8.70
N ARG A 281 -8.26 -6.65 8.70
CA ARG A 281 -8.37 -7.50 7.51
C ARG A 281 -9.76 -7.52 6.89
N ASP A 282 -10.75 -7.92 7.68
CA ASP A 282 -12.08 -8.13 7.12
C ASP A 282 -12.81 -6.83 6.82
N LEU A 283 -12.55 -5.78 7.60
N LEU A 283 -12.55 -5.76 7.59
CA LEU A 283 -13.03 -4.45 7.28
CA LEU A 283 -13.04 -4.44 7.21
C LEU A 283 -12.51 -3.98 5.90
C LEU A 283 -12.54 -4.03 5.82
N SER A 284 -11.25 -4.26 5.62
N SER A 284 -11.25 -4.24 5.60
CA SER A 284 -10.68 -3.95 4.30
CA SER A 284 -10.69 -3.95 4.30
C SER A 284 -11.27 -4.81 3.17
C SER A 284 -11.30 -4.80 3.18
N THR A 285 -11.41 -6.11 3.42
CA THR A 285 -11.98 -7.00 2.39
C THR A 285 -13.39 -6.58 2.01
N GLN A 286 -14.20 -6.25 3.02
N GLN A 286 -14.19 -6.25 3.02
CA GLN A 286 -15.55 -5.79 2.75
CA GLN A 286 -15.54 -5.76 2.80
C GLN A 286 -15.61 -4.41 2.06
C GLN A 286 -15.58 -4.45 2.03
N THR A 287 -14.64 -3.53 2.29
CA THR A 287 -14.56 -2.27 1.55
C THR A 287 -14.23 -2.57 0.05
N ILE A 288 -13.32 -3.50 -0.19
CA ILE A 288 -13.02 -3.94 -1.56
C ILE A 288 -14.27 -4.43 -2.25
N ARG A 289 -15.00 -5.29 -1.54
CA ARG A 289 -16.18 -5.89 -2.08
C ARG A 289 -17.18 -4.81 -2.50
N GLU A 290 -17.41 -3.82 -1.64
N GLU A 290 -17.38 -3.83 -1.62
CA GLU A 290 -18.36 -2.75 -1.95
CA GLU A 290 -18.31 -2.74 -1.88
C GLU A 290 -17.87 -1.86 -3.09
C GLU A 290 -17.87 -1.85 -3.04
N MET A 291 -16.59 -1.51 -3.07
CA MET A 291 -16.06 -0.62 -4.13
C MET A 291 -16.08 -1.31 -5.51
N TYR A 292 -15.81 -2.61 -5.53
CA TYR A 292 -15.89 -3.37 -6.78
C TYR A 292 -17.31 -3.34 -7.33
N ALA A 293 -18.29 -3.64 -6.47
CA ALA A 293 -19.70 -3.55 -6.86
C ALA A 293 -20.10 -2.17 -7.35
N LEU A 294 -19.76 -1.13 -6.62
CA LEU A 294 -20.15 0.23 -6.98
C LEU A 294 -19.51 0.73 -8.30
N THR A 295 -18.36 0.17 -8.65
CA THR A 295 -17.69 0.47 -9.91
C THR A 295 -17.90 -0.55 -11.03
N GLN A 296 -18.85 -1.47 -10.86
N GLN A 296 -18.82 -1.49 -10.78
CA GLN A 296 -19.16 -2.50 -11.90
CA GLN A 296 -19.21 -2.53 -11.74
C GLN A 296 -18.00 -3.40 -12.28
C GLN A 296 -18.02 -3.36 -12.26
N GLY A 297 -17.02 -3.53 -11.39
CA GLY A 297 -15.83 -4.29 -11.69
C GLY A 297 -14.94 -3.68 -12.77
N ARG A 298 -15.17 -2.40 -13.11
CA ARG A 298 -14.44 -1.72 -14.20
C ARG A 298 -13.28 -0.88 -13.74
N VAL A 299 -13.04 -0.81 -12.42
CA VAL A 299 -11.98 0.02 -11.86
C VAL A 299 -11.04 -0.92 -11.08
N PRO A 300 -9.81 -1.12 -11.53
CA PRO A 300 -8.87 -1.99 -10.81
C PRO A 300 -8.69 -1.55 -9.35
N ILE A 301 -8.64 -2.53 -8.46
CA ILE A 301 -8.47 -2.28 -7.04
C ILE A 301 -7.19 -2.99 -6.59
N ILE A 302 -6.40 -2.27 -5.80
CA ILE A 302 -5.28 -2.87 -5.07
C ILE A 302 -5.81 -3.04 -3.64
N GLY A 303 -5.82 -4.27 -3.17
CA GLY A 303 -6.42 -4.61 -1.88
C GLY A 303 -5.36 -4.68 -0.82
N VAL A 304 -5.61 -4.05 0.32
CA VAL A 304 -4.59 -3.95 1.37
C VAL A 304 -5.28 -3.84 2.74
N GLY A 305 -4.72 -4.54 3.73
CA GLY A 305 -5.20 -4.50 5.09
C GLY A 305 -5.23 -5.90 5.65
N GLY A 306 -4.26 -6.22 6.50
CA GLY A 306 -4.28 -7.50 7.19
C GLY A 306 -3.98 -8.73 6.39
N VAL A 307 -3.26 -8.61 5.28
CA VAL A 307 -2.81 -9.77 4.52
C VAL A 307 -1.58 -10.38 5.15
N SER A 308 -1.68 -11.63 5.60
N SER A 308 -1.72 -11.63 5.62
CA SER A 308 -0.50 -12.39 6.04
CA SER A 308 -0.60 -12.43 6.14
C SER A 308 -0.45 -13.83 5.56
C SER A 308 -0.44 -13.82 5.54
N SER A 309 -1.34 -14.22 4.65
CA SER A 309 -1.39 -15.56 4.12
C SER A 309 -1.97 -15.53 2.72
N GLY A 310 -1.80 -16.66 2.04
CA GLY A 310 -2.42 -16.86 0.76
C GLY A 310 -3.93 -16.76 0.82
N GLN A 311 -4.54 -17.33 1.87
CA GLN A 311 -5.97 -17.22 2.01
C GLN A 311 -6.40 -15.76 2.10
N ASP A 312 -5.69 -14.96 2.90
CA ASP A 312 -6.04 -13.55 3.04
C ASP A 312 -5.95 -12.84 1.68
N ALA A 313 -4.92 -13.18 0.91
CA ALA A 313 -4.74 -12.58 -0.41
C ALA A 313 -5.87 -12.98 -1.37
N LEU A 314 -6.20 -14.28 -1.39
CA LEU A 314 -7.24 -14.76 -2.28
C LEU A 314 -8.62 -14.24 -1.90
N GLU A 315 -8.88 -14.04 -0.59
CA GLU A 315 -10.16 -13.46 -0.21
C GLU A 315 -10.29 -12.06 -0.79
N LYS A 316 -9.19 -11.30 -0.78
CA LYS A 316 -9.25 -9.94 -1.34
C LYS A 316 -9.42 -9.95 -2.86
N ILE A 317 -8.70 -10.85 -3.53
CA ILE A 317 -8.81 -11.04 -4.97
C ILE A 317 -10.23 -11.44 -5.37
N ARG A 318 -10.77 -12.45 -4.70
CA ARG A 318 -12.16 -12.85 -4.98
C ARG A 318 -13.19 -11.76 -4.71
N ALA A 319 -12.89 -10.88 -3.72
CA ALA A 319 -13.77 -9.75 -3.45
C ALA A 319 -13.67 -8.65 -4.50
N GLY A 320 -12.64 -8.66 -5.36
CA GLY A 320 -12.48 -7.60 -6.35
C GLY A 320 -11.10 -7.06 -6.58
N ALA A 321 -10.11 -7.41 -5.76
CA ALA A 321 -8.77 -6.85 -5.95
C ALA A 321 -8.04 -7.52 -7.11
N SER A 322 -7.38 -6.71 -7.95
CA SER A 322 -6.47 -7.23 -8.99
C SER A 322 -5.07 -7.52 -8.46
N LEU A 323 -4.68 -6.79 -7.41
CA LEU A 323 -3.39 -6.89 -6.78
C LEU A 323 -3.63 -6.72 -5.29
N VAL A 324 -2.67 -7.18 -4.48
CA VAL A 324 -2.74 -6.93 -3.03
C VAL A 324 -1.44 -6.37 -2.53
N GLN A 325 -1.48 -5.70 -1.38
CA GLN A 325 -0.29 -5.25 -0.68
C GLN A 325 -0.33 -5.67 0.74
N LEU A 326 0.85 -5.71 1.36
CA LEU A 326 0.96 -5.93 2.81
C LEU A 326 2.07 -5.05 3.36
N TYR A 327 1.95 -4.75 4.65
CA TYR A 327 3.04 -4.16 5.41
C TYR A 327 3.10 -4.81 6.79
N THR A 328 2.07 -4.67 7.59
CA THR A 328 2.13 -5.12 9.00
C THR A 328 2.60 -6.56 9.18
N ALA A 329 2.20 -7.48 8.32
CA ALA A 329 2.67 -8.86 8.45
C ALA A 329 4.21 -8.99 8.38
N LEU A 330 4.86 -8.12 7.61
CA LEU A 330 6.31 -8.14 7.53
C LEU A 330 6.96 -7.86 8.89
N THR A 331 6.30 -7.07 9.75
CA THR A 331 6.83 -6.73 11.05
C THR A 331 6.83 -7.92 12.01
N PHE A 332 5.95 -8.88 11.79
CA PHE A 332 5.86 -10.08 12.61
C PHE A 332 6.56 -11.28 12.05
N TRP A 333 6.51 -11.46 10.73
CA TRP A 333 7.03 -12.61 10.03
C TRP A 333 8.39 -12.38 9.36
N GLY A 334 8.72 -11.14 9.05
CA GLY A 334 9.90 -10.81 8.29
C GLY A 334 9.81 -11.17 6.84
N PRO A 335 10.92 -10.99 6.11
CA PRO A 335 10.94 -11.19 4.67
C PRO A 335 10.37 -12.49 4.11
N PRO A 336 10.50 -13.63 4.86
CA PRO A 336 9.91 -14.85 4.30
C PRO A 336 8.39 -14.86 4.12
N VAL A 337 7.68 -13.89 4.72
CA VAL A 337 6.24 -13.80 4.52
C VAL A 337 5.85 -13.64 3.04
N VAL A 338 6.71 -13.02 2.25
CA VAL A 338 6.39 -12.72 0.85
C VAL A 338 6.25 -14.02 0.06
N GLY A 339 7.26 -14.88 0.16
CA GLY A 339 7.23 -16.18 -0.49
C GLY A 339 6.15 -17.07 0.11
N LYS A 340 5.88 -16.92 1.42
CA LYS A 340 4.77 -17.68 2.04
C LYS A 340 3.43 -17.34 1.38
N VAL A 341 3.13 -16.05 1.29
CA VAL A 341 1.85 -15.61 0.70
C VAL A 341 1.74 -16.10 -0.74
N LYS A 342 2.82 -15.93 -1.52
CA LYS A 342 2.81 -16.33 -2.91
C LYS A 342 2.60 -17.83 -3.10
N ARG A 343 3.32 -18.63 -2.31
CA ARG A 343 3.19 -20.09 -2.40
C ARG A 343 1.78 -20.53 -2.02
N GLU A 344 1.27 -19.97 -0.93
CA GLU A 344 -0.07 -20.35 -0.46
C GLU A 344 -1.15 -19.91 -1.46
N LEU A 345 -0.98 -18.72 -2.05
CA LEU A 345 -1.93 -18.21 -3.03
C LEU A 345 -1.98 -19.11 -4.27
N GLU A 346 -0.81 -19.45 -4.80
CA GLU A 346 -0.74 -20.37 -5.93
C GLU A 346 -1.47 -21.68 -5.65
N ALA A 347 -1.19 -22.26 -4.48
CA ALA A 347 -1.83 -23.53 -4.07
C ALA A 347 -3.34 -23.42 -4.02
N LEU A 348 -3.85 -22.32 -3.46
CA LEU A 348 -5.27 -22.12 -3.34
C LEU A 348 -5.92 -21.88 -4.67
N LEU A 349 -5.26 -21.15 -5.57
CA LEU A 349 -5.79 -20.96 -6.90
C LEU A 349 -6.01 -22.30 -7.60
N LYS A 350 -5.01 -23.19 -7.48
CA LYS A 350 -5.11 -24.55 -8.10
C LYS A 350 -6.24 -25.35 -7.44
N GLU A 351 -6.31 -25.31 -6.12
CA GLU A 351 -7.35 -26.03 -5.36
C GLU A 351 -8.77 -25.57 -5.69
N GLN A 352 -8.94 -24.29 -6.05
CA GLN A 352 -10.27 -23.72 -6.32
C GLN A 352 -10.61 -23.67 -7.80
N GLY A 353 -9.74 -24.22 -8.65
CA GLY A 353 -10.03 -24.37 -10.09
C GLY A 353 -9.73 -23.16 -10.96
N PHE A 354 -8.95 -22.21 -10.45
CA PHE A 354 -8.58 -21.01 -11.21
C PHE A 354 -7.32 -21.27 -12.00
N GLY A 355 -7.32 -20.83 -13.26
CA GLY A 355 -6.16 -20.90 -14.13
C GLY A 355 -5.01 -19.99 -13.71
N GLY A 356 -5.36 -18.85 -13.14
CA GLY A 356 -4.38 -17.92 -12.59
C GLY A 356 -5.10 -16.88 -11.79
N VAL A 357 -4.35 -15.93 -11.26
CA VAL A 357 -4.91 -14.82 -10.50
C VAL A 357 -6.02 -14.12 -11.24
N THR A 358 -5.79 -13.85 -12.54
CA THR A 358 -6.75 -13.09 -13.33
C THR A 358 -8.18 -13.65 -13.29
N ASP A 359 -8.26 -14.98 -13.34
CA ASP A 359 -9.55 -15.67 -13.34
C ASP A 359 -10.29 -15.54 -12.02
N ALA A 360 -9.55 -15.31 -10.93
CA ALA A 360 -10.14 -15.18 -9.59
C ALA A 360 -10.60 -13.78 -9.23
N ILE A 361 -10.16 -12.76 -9.97
CA ILE A 361 -10.51 -11.40 -9.63
C ILE A 361 -12.02 -11.19 -9.71
N GLY A 362 -12.61 -10.83 -8.55
CA GLY A 362 -14.03 -10.60 -8.45
C GLY A 362 -14.89 -11.86 -8.48
N ALA A 363 -14.31 -13.04 -8.33
CA ALA A 363 -15.06 -14.31 -8.48
C ALA A 363 -16.23 -14.43 -7.53
N ASP A 364 -16.14 -13.84 -6.34
CA ASP A 364 -17.27 -13.89 -5.40
C ASP A 364 -18.54 -13.21 -5.93
N HIS A 365 -18.39 -12.18 -6.78
CA HIS A 365 -19.51 -11.43 -7.29
C HIS A 365 -20.31 -12.19 -8.33
N ARG A 366 -19.72 -13.26 -8.87
CA ARG A 366 -20.31 -14.11 -9.90
C ARG A 366 -20.87 -15.42 -9.32
N ARG A 367 -21.01 -15.51 -7.99
CA ARG A 367 -21.63 -16.68 -7.30
C ARG A 367 -23.14 -16.59 -7.25
#